data_6V2E
#
_entry.id   6V2E
#
_cell.length_a   68.017
_cell.length_b   84.993
_cell.length_c   123.064
_cell.angle_alpha   90.000
_cell.angle_beta   90.000
_cell.angle_gamma   90.000
#
_symmetry.space_group_name_H-M   'P 21 21 21'
#
loop_
_entity.id
_entity.type
_entity.pdbx_description
1 polymer 'Maltose/maltodextrin-binding periplasmic protein,Receptor activity-modifying protein 2,Calcitonin gene-related peptide type 1 receptor'
2 polymer ADM
3 branched alpha-D-glucopyranose-(1-4)-alpha-D-glucopyranose
4 non-polymer 'FORMIC ACID'
5 non-polymer 'AMINO GROUP'
6 water water
#
loop_
_entity_poly.entity_id
_entity_poly.type
_entity_poly.pdbx_seq_one_letter_code
_entity_poly.pdbx_strand_id
1 'polypeptide(L)'
;MAKIEEGKLVIWINGDKGYNGLAEVGKKFEKDTGIKVTVEHPDKLEEKFPQVAATGDGPDIIFWAHDRFGGYAQSGLLAE
ITPDKAFQDKLYPFTWDAVRYNGKLIAYPIAVEALSLIYNKDLLPNPPKTWEEIPALDKELKAKGKSALMFNLQEPYFTW
PLIAADGGYAFKYENGKYDIKDVGVDNAGAKAGLTFLVDLIKNKHMNADTDYSIAEAAFNKGETAMTINGPWAWSNIDTS
KVNYGVTVLPTFKGQPSKPFVGVLSAGINAASPNKELAKEFLENYLLTDEGLEAVNKDKPLGAVALKSYEEELAKDPRIA
ATMENAQKGEIMPNIPQMSAFWYAVRTAVINAASGRQTVDEALKDAQTNAAAEFGGTVKNYETAVQFCWNHYKDQMDPIE
KDWCDWAMISRPYSTLRDCLEHFAERFDLGFPNPLAERIIFETHQIHFANCSLVQPTFSDGSAGSAGSAEDSIQLGVTRN
KIMTAQYECYQKIMQDPIQQAEGVYCNRTWDGWLCWNDVAAGTESMQLCPDYFQDFDPSEKVTKICDQDGNWFRHPASNR
TWTNYTQCNVNTHEKVKTALNLFYLHHHHHH
;
A
2 'polypeptide(L)' DKDNVAPRRLIGPWGY B
#
# COMPACT_ATOMS: atom_id res chain seq x y z
N LYS A 3 -10.27 -15.91 -21.54
CA LYS A 3 -10.20 -16.38 -22.97
C LYS A 3 -8.87 -15.93 -23.57
N ILE A 4 -7.82 -16.74 -23.40
CA ILE A 4 -6.42 -16.39 -23.80
C ILE A 4 -6.17 -16.97 -25.20
N GLU A 5 -5.59 -16.18 -26.10
CA GLU A 5 -5.46 -16.53 -27.54
C GLU A 5 -4.30 -17.53 -27.72
N GLU A 6 -4.57 -18.67 -28.37
CA GLU A 6 -3.54 -19.66 -28.75
C GLU A 6 -2.74 -19.06 -29.92
N GLY A 7 -1.42 -19.36 -29.96
CA GLY A 7 -0.51 -19.05 -31.08
C GLY A 7 0.18 -17.69 -30.93
N LYS A 8 0.17 -17.11 -29.73
CA LYS A 8 0.92 -15.87 -29.42
C LYS A 8 1.23 -15.79 -27.92
N LEU A 9 2.03 -14.81 -27.52
CA LEU A 9 2.30 -14.58 -26.09
C LEU A 9 1.92 -13.15 -25.70
N VAL A 10 1.13 -13.02 -24.63
CA VAL A 10 0.82 -11.74 -23.95
C VAL A 10 1.60 -11.77 -22.63
N ILE A 11 2.34 -10.71 -22.33
CA ILE A 11 3.21 -10.65 -21.13
C ILE A 11 2.83 -9.41 -20.32
N TRP A 12 2.66 -9.55 -19.01
CA TRP A 12 2.46 -8.39 -18.12
C TRP A 12 3.71 -8.18 -17.27
N ILE A 13 4.16 -6.93 -17.20
CA ILE A 13 5.32 -6.50 -16.37
C ILE A 13 5.05 -5.09 -15.87
N ASN A 14 5.59 -4.77 -14.73
CA ASN A 14 5.28 -3.46 -14.07
C ASN A 14 5.89 -2.30 -14.87
N GLY A 15 5.22 -1.13 -14.83
CA GLY A 15 5.56 0.09 -15.59
C GLY A 15 6.91 0.71 -15.20
N ASP A 16 7.56 0.28 -14.11
CA ASP A 16 8.91 0.77 -13.72
C ASP A 16 10.02 -0.11 -14.31
N LYS A 17 9.69 -1.21 -15.00
CA LYS A 17 10.66 -2.21 -15.50
C LYS A 17 10.93 -1.99 -17.00
N GLY A 18 11.91 -2.70 -17.53
CA GLY A 18 12.38 -2.54 -18.92
C GLY A 18 11.47 -3.21 -19.92
N TYR A 19 10.21 -2.80 -20.08
CA TYR A 19 9.25 -3.47 -20.98
C TYR A 19 9.64 -3.25 -22.45
N ASN A 20 10.22 -2.11 -22.82
CA ASN A 20 10.68 -1.92 -24.22
C ASN A 20 11.82 -2.92 -24.53
N GLY A 21 12.76 -3.11 -23.60
CA GLY A 21 13.82 -4.12 -23.75
C GLY A 21 13.24 -5.53 -23.83
N LEU A 22 12.24 -5.85 -23.01
CA LEU A 22 11.56 -7.18 -23.05
C LEU A 22 10.87 -7.36 -24.42
N ALA A 23 10.27 -6.30 -24.98
CA ALA A 23 9.62 -6.35 -26.32
C ALA A 23 10.66 -6.68 -27.40
N GLU A 24 11.90 -6.20 -27.24
CA GLU A 24 13.00 -6.49 -28.20
CA GLU A 24 13.02 -6.49 -28.19
C GLU A 24 13.28 -8.00 -28.13
N VAL A 25 13.26 -8.58 -26.94
CA VAL A 25 13.43 -10.05 -26.82
C VAL A 25 12.27 -10.74 -27.54
N GLY A 26 11.05 -10.19 -27.41
CA GLY A 26 9.84 -10.68 -28.06
C GLY A 26 9.96 -10.62 -29.58
N LYS A 27 10.64 -9.60 -30.13
CA LYS A 27 10.83 -9.44 -31.60
CA LYS A 27 10.82 -9.45 -31.60
C LYS A 27 11.78 -10.53 -32.13
N LYS A 28 12.85 -10.81 -31.39
CA LYS A 28 13.81 -11.90 -31.71
C LYS A 28 13.06 -13.24 -31.65
N PHE A 29 12.22 -13.47 -30.63
CA PHE A 29 11.39 -14.70 -30.54
C PHE A 29 10.52 -14.85 -31.81
N GLU A 30 9.82 -13.79 -32.17
CA GLU A 30 8.90 -13.73 -33.34
C GLU A 30 9.70 -14.04 -34.61
N LYS A 31 10.91 -13.49 -34.74
CA LYS A 31 11.78 -13.71 -35.93
C LYS A 31 12.09 -15.20 -36.09
N ASP A 32 12.33 -15.92 -35.00
CA ASP A 32 12.73 -17.36 -35.07
C ASP A 32 11.51 -18.26 -35.16
N THR A 33 10.36 -17.90 -34.58
CA THR A 33 9.24 -18.86 -34.34
C THR A 33 7.96 -18.47 -35.10
N GLY A 34 7.86 -17.20 -35.52
CA GLY A 34 6.63 -16.65 -36.10
C GLY A 34 5.58 -16.32 -35.05
N ILE A 35 5.89 -16.45 -33.75
CA ILE A 35 4.94 -16.19 -32.62
C ILE A 35 5.11 -14.74 -32.19
N LYS A 36 4.03 -13.93 -32.28
CA LYS A 36 4.01 -12.51 -31.83
CA LYS A 36 3.99 -12.51 -31.83
C LYS A 36 4.00 -12.46 -30.30
N VAL A 37 4.82 -11.57 -29.72
CA VAL A 37 4.88 -11.32 -28.27
C VAL A 37 4.41 -9.88 -28.03
N THR A 38 3.39 -9.71 -27.20
CA THR A 38 2.82 -8.39 -26.80
C THR A 38 3.20 -8.17 -25.34
N VAL A 39 3.88 -7.07 -25.06
CA VAL A 39 4.25 -6.73 -23.67
C VAL A 39 3.35 -5.57 -23.22
N GLU A 40 2.71 -5.74 -22.07
CA GLU A 40 1.78 -4.74 -21.51
C GLU A 40 2.23 -4.44 -20.09
N HIS A 41 1.94 -3.23 -19.62
CA HIS A 41 2.24 -2.80 -18.24
C HIS A 41 1.00 -2.15 -17.65
N PRO A 42 -0.05 -2.94 -17.36
CA PRO A 42 -1.27 -2.39 -16.75
C PRO A 42 -0.99 -1.83 -15.35
N ASP A 43 -1.82 -0.89 -14.91
CA ASP A 43 -1.76 -0.36 -13.53
C ASP A 43 -2.24 -1.46 -12.59
N LYS A 44 -1.70 -1.47 -11.39
CA LYS A 44 -2.10 -2.42 -10.31
C LYS A 44 -2.04 -3.87 -10.80
N LEU A 45 -1.00 -4.23 -11.57
CA LEU A 45 -1.04 -5.54 -12.28
C LEU A 45 -1.00 -6.67 -11.24
N GLU A 46 -0.46 -6.42 -10.06
CA GLU A 46 -0.34 -7.48 -9.01
C GLU A 46 -1.74 -7.81 -8.45
N GLU A 47 -2.69 -6.87 -8.50
CA GLU A 47 -4.10 -7.08 -8.10
C GLU A 47 -4.93 -7.48 -9.32
N LYS A 48 -4.62 -6.94 -10.50
CA LYS A 48 -5.37 -7.22 -11.75
C LYS A 48 -5.17 -8.68 -12.15
N PHE A 49 -3.94 -9.22 -12.03
CA PHE A 49 -3.61 -10.61 -12.48
C PHE A 49 -4.53 -11.61 -11.80
N PRO A 50 -4.63 -11.65 -10.44
CA PRO A 50 -5.52 -12.62 -9.79
C PRO A 50 -7.01 -12.44 -10.16
N GLN A 51 -7.48 -11.21 -10.36
CA GLN A 51 -8.88 -10.93 -10.81
C GLN A 51 -9.14 -11.68 -12.12
N VAL A 52 -8.37 -11.37 -13.16
CA VAL A 52 -8.65 -11.83 -14.56
C VAL A 52 -8.26 -13.31 -14.71
N ALA A 53 -7.16 -13.76 -14.08
CA ALA A 53 -6.67 -15.16 -14.19
C ALA A 53 -7.66 -16.12 -13.51
N ALA A 54 -8.44 -15.65 -12.53
CA ALA A 54 -9.40 -16.46 -11.75
C ALA A 54 -10.52 -16.95 -12.68
N THR A 55 -10.76 -16.27 -13.81
CA THR A 55 -11.78 -16.67 -14.82
C THR A 55 -11.13 -17.26 -16.09
N GLY A 56 -9.85 -17.64 -16.04
CA GLY A 56 -9.16 -18.26 -17.18
C GLY A 56 -8.68 -17.21 -18.18
N ASP A 57 -8.66 -15.93 -17.79
CA ASP A 57 -8.28 -14.77 -18.65
C ASP A 57 -6.89 -14.25 -18.24
N GLY A 58 -6.42 -13.18 -18.88
CA GLY A 58 -5.17 -12.48 -18.48
C GLY A 58 -3.99 -12.83 -19.39
N PRO A 59 -2.75 -12.55 -18.95
CA PRO A 59 -1.57 -12.77 -19.78
C PRO A 59 -1.13 -14.23 -19.73
N ASP A 60 -0.32 -14.64 -20.71
CA ASP A 60 0.33 -15.97 -20.70
C ASP A 60 1.41 -15.96 -19.62
N ILE A 61 2.15 -14.86 -19.51
CA ILE A 61 3.28 -14.73 -18.55
C ILE A 61 3.07 -13.49 -17.72
N ILE A 62 3.29 -13.61 -16.41
CA ILE A 62 3.18 -12.50 -15.44
C ILE A 62 4.54 -12.31 -14.78
N PHE A 63 5.04 -11.07 -14.79
CA PHE A 63 6.26 -10.67 -14.07
C PHE A 63 5.87 -9.86 -12.84
N TRP A 64 6.48 -10.21 -11.72
CA TRP A 64 6.41 -9.44 -10.45
C TRP A 64 7.53 -9.95 -9.54
N ALA A 65 7.85 -9.22 -8.48
CA ALA A 65 8.72 -9.78 -7.42
C ALA A 65 8.08 -11.07 -6.89
N HIS A 66 8.90 -11.98 -6.40
CA HIS A 66 8.48 -13.35 -5.99
C HIS A 66 7.44 -13.32 -4.85
N ASP A 67 7.32 -12.22 -4.08
CA ASP A 67 6.53 -12.23 -2.84
C ASP A 67 5.05 -12.50 -3.16
N ARG A 68 4.57 -12.18 -4.36
CA ARG A 68 3.13 -12.33 -4.70
C ARG A 68 2.81 -13.75 -5.20
N PHE A 69 3.80 -14.57 -5.54
CA PHE A 69 3.60 -15.81 -6.32
C PHE A 69 2.98 -16.95 -5.48
N GLY A 70 3.30 -17.07 -4.18
CA GLY A 70 2.63 -18.11 -3.35
C GLY A 70 1.12 -17.93 -3.37
N GLY A 71 0.65 -16.69 -3.27
CA GLY A 71 -0.81 -16.40 -3.29
C GLY A 71 -1.41 -16.87 -4.61
N TYR A 72 -0.74 -16.56 -5.72
CA TYR A 72 -1.14 -16.97 -7.09
C TYR A 72 -1.20 -18.51 -7.15
N ALA A 73 -0.16 -19.18 -6.65
CA ALA A 73 -0.04 -20.66 -6.63
C ALA A 73 -1.21 -21.25 -5.85
N GLN A 74 -1.47 -20.74 -4.64
CA GLN A 74 -2.55 -21.26 -3.76
C GLN A 74 -3.90 -21.14 -4.47
N SER A 75 -4.12 -20.04 -5.19
CA SER A 75 -5.38 -19.74 -5.93
C SER A 75 -5.48 -20.57 -7.24
N GLY A 76 -4.49 -21.43 -7.55
CA GLY A 76 -4.48 -22.27 -8.76
C GLY A 76 -4.26 -21.46 -10.03
N LEU A 77 -3.59 -20.31 -9.98
CA LEU A 77 -3.49 -19.44 -11.17
C LEU A 77 -2.20 -19.70 -11.96
N LEU A 78 -1.28 -20.53 -11.44
CA LEU A 78 0.04 -20.72 -12.09
C LEU A 78 0.16 -22.13 -12.69
N ALA A 79 0.75 -22.22 -13.88
CA ALA A 79 1.20 -23.47 -14.50
C ALA A 79 2.42 -23.98 -13.72
N GLU A 80 2.57 -25.32 -13.67
CA GLU A 80 3.81 -25.93 -13.13
C GLU A 80 4.91 -25.56 -14.11
N ILE A 81 6.11 -25.25 -13.63
CA ILE A 81 7.25 -24.98 -14.55
C ILE A 81 8.19 -26.19 -14.44
N THR A 82 8.86 -26.54 -15.54
CA THR A 82 9.56 -27.84 -15.65
C THR A 82 10.99 -27.62 -16.14
N PRO A 83 11.77 -26.68 -15.53
CA PRO A 83 13.16 -26.51 -15.93
C PRO A 83 13.94 -27.78 -15.57
N ASP A 84 14.65 -28.35 -16.55
CA ASP A 84 15.49 -29.56 -16.29
C ASP A 84 16.68 -29.10 -15.45
N LYS A 85 17.53 -30.04 -15.04
CA LYS A 85 18.62 -29.77 -14.06
C LYS A 85 19.69 -28.87 -14.69
N ALA A 86 20.03 -29.09 -15.97
CA ALA A 86 21.05 -28.28 -16.66
C ALA A 86 20.63 -26.81 -16.68
N PHE A 87 19.33 -26.54 -16.84
CA PHE A 87 18.82 -25.15 -16.82
C PHE A 87 18.90 -24.57 -15.40
N GLN A 88 18.48 -25.32 -14.37
CA GLN A 88 18.54 -24.82 -12.97
C GLN A 88 19.98 -24.42 -12.62
N ASP A 89 20.97 -25.21 -13.05
CA ASP A 89 22.42 -25.00 -12.74
C ASP A 89 22.89 -23.57 -13.23
N LYS A 90 22.17 -23.04 -14.28
CA LYS A 90 22.56 -21.76 -14.91
C LYS A 90 22.16 -20.57 -14.03
N LEU A 91 21.25 -20.76 -13.07
CA LEU A 91 20.77 -19.66 -12.16
C LEU A 91 21.23 -19.91 -10.72
N TYR A 92 21.44 -18.85 -9.93
CA TYR A 92 21.89 -18.96 -8.52
C TYR A 92 20.87 -19.74 -7.70
N PRO A 93 21.31 -20.74 -6.90
CA PRO A 93 20.43 -21.44 -5.96
C PRO A 93 19.50 -20.55 -5.11
N PHE A 94 19.98 -19.42 -4.62
CA PHE A 94 19.18 -18.56 -3.72
C PHE A 94 18.05 -17.90 -4.53
N THR A 95 18.17 -17.76 -5.87
CA THR A 95 17.08 -17.18 -6.70
C THR A 95 16.00 -18.24 -6.88
N TRP A 96 16.37 -19.50 -7.12
CA TRP A 96 15.40 -20.61 -7.12
C TRP A 96 14.66 -20.68 -5.75
N ASP A 97 15.37 -20.45 -4.64
CA ASP A 97 14.79 -20.58 -3.26
C ASP A 97 13.64 -19.59 -3.13
N ALA A 98 13.80 -18.39 -3.69
CA ALA A 98 12.79 -17.31 -3.64
C ALA A 98 11.51 -17.73 -4.37
N VAL A 99 11.60 -18.60 -5.38
CA VAL A 99 10.39 -19.04 -6.13
C VAL A 99 10.02 -20.47 -5.77
N ARG A 100 10.51 -21.02 -4.64
CA ARG A 100 10.10 -22.36 -4.14
C ARG A 100 9.06 -22.21 -3.02
N TYR A 101 7.85 -22.73 -3.22
CA TYR A 101 6.71 -22.62 -2.28
C TYR A 101 6.14 -24.03 -2.06
N ASN A 102 6.10 -24.47 -0.80
CA ASN A 102 5.65 -25.85 -0.46
C ASN A 102 6.45 -26.87 -1.27
N GLY A 103 7.77 -26.64 -1.41
CA GLY A 103 8.67 -27.60 -2.05
C GLY A 103 8.66 -27.53 -3.58
N LYS A 104 7.83 -26.69 -4.23
CA LYS A 104 7.72 -26.67 -5.72
C LYS A 104 8.22 -25.33 -6.28
N LEU A 105 8.91 -25.37 -7.41
CA LEU A 105 9.26 -24.15 -8.18
C LEU A 105 8.00 -23.64 -8.86
N ILE A 106 7.61 -22.40 -8.60
CA ILE A 106 6.29 -21.88 -9.07
C ILE A 106 6.47 -20.75 -10.08
N ALA A 107 7.70 -20.30 -10.34
CA ALA A 107 8.01 -19.22 -11.31
C ALA A 107 9.51 -19.28 -11.65
N TYR A 108 9.91 -18.62 -12.73
CA TYR A 108 11.32 -18.46 -13.13
C TYR A 108 11.87 -17.19 -12.50
N PRO A 109 13.01 -17.25 -11.79
CA PRO A 109 13.60 -16.05 -11.22
C PRO A 109 14.42 -15.34 -12.29
N ILE A 110 14.40 -14.01 -12.25
CA ILE A 110 15.03 -13.12 -13.26
C ILE A 110 16.17 -12.31 -12.62
N ALA A 111 15.93 -11.60 -11.51
CA ALA A 111 16.92 -10.66 -10.96
C ALA A 111 16.61 -10.29 -9.50
N VAL A 112 17.67 -10.03 -8.75
CA VAL A 112 17.61 -9.61 -7.34
C VAL A 112 17.64 -8.08 -7.29
N GLU A 113 16.64 -7.56 -6.61
CA GLU A 113 16.36 -6.12 -6.41
C GLU A 113 16.45 -5.80 -4.91
N ALA A 114 17.14 -4.71 -4.56
CA ALA A 114 17.07 -4.10 -3.23
C ALA A 114 17.15 -2.59 -3.38
N LEU A 115 16.49 -1.87 -2.46
CA LEU A 115 16.55 -0.40 -2.35
C LEU A 115 17.94 0.01 -1.86
N SER A 116 18.42 1.13 -2.40
CA SER A 116 19.65 1.82 -1.96
C SER A 116 19.32 3.28 -1.72
N LEU A 117 20.18 3.96 -0.96
CA LEU A 117 20.20 5.42 -0.91
C LEU A 117 20.87 5.91 -2.19
N ILE A 118 20.21 6.81 -2.90
CA ILE A 118 20.77 7.48 -4.08
C ILE A 118 20.93 8.95 -3.69
N TYR A 119 22.10 9.53 -3.90
CA TYR A 119 22.40 10.92 -3.49
C TYR A 119 23.05 11.69 -4.64
N ASN A 120 22.75 12.97 -4.67
CA ASN A 120 23.27 13.97 -5.62
C ASN A 120 24.62 14.45 -5.08
N LYS A 121 25.71 14.00 -5.72
CA LYS A 121 27.11 14.22 -5.25
C LYS A 121 27.50 15.70 -5.37
N ASP A 122 26.81 16.45 -6.23
CA ASP A 122 27.04 17.91 -6.39
C ASP A 122 26.40 18.63 -5.21
N LEU A 123 25.15 18.32 -4.86
CA LEU A 123 24.43 18.94 -3.72
C LEU A 123 25.06 18.51 -2.40
N LEU A 124 25.44 17.24 -2.30
CA LEU A 124 25.77 16.57 -1.04
C LEU A 124 27.03 15.74 -1.26
N PRO A 125 28.24 16.32 -1.14
CA PRO A 125 29.50 15.59 -1.36
C PRO A 125 29.65 14.23 -0.66
N ASN A 126 29.25 14.10 0.61
CA ASN A 126 29.24 12.76 1.27
C ASN A 126 27.82 12.45 1.73
N PRO A 127 27.31 11.22 1.52
CA PRO A 127 25.98 10.86 2.00
C PRO A 127 25.95 10.78 3.53
N PRO A 128 24.77 10.94 4.18
CA PRO A 128 24.68 10.75 5.63
C PRO A 128 24.74 9.26 5.99
N LYS A 129 25.48 8.94 7.05
CA LYS A 129 25.59 7.55 7.55
C LYS A 129 24.31 7.18 8.34
N THR A 130 23.60 8.16 8.89
CA THR A 130 22.47 7.93 9.84
C THR A 130 21.20 8.65 9.38
N TRP A 131 20.04 8.06 9.66
CA TRP A 131 18.71 8.71 9.50
C TRP A 131 18.64 9.93 10.42
N GLU A 132 19.20 9.81 11.62
CA GLU A 132 19.05 10.83 12.69
C GLU A 132 19.64 12.17 12.22
N GLU A 133 20.62 12.17 11.31
CA GLU A 133 21.32 13.42 10.90
C GLU A 133 20.57 14.06 9.72
N ILE A 134 19.50 13.46 9.23
CA ILE A 134 18.84 13.98 8.00
C ILE A 134 18.08 15.28 8.32
N PRO A 135 17.37 15.43 9.46
CA PRO A 135 16.72 16.71 9.77
C PRO A 135 17.67 17.91 9.68
N ALA A 136 18.86 17.81 10.27
CA ALA A 136 19.82 18.95 10.32
C ALA A 136 20.26 19.29 8.90
N LEU A 137 20.48 18.25 8.10
CA LEU A 137 20.90 18.35 6.67
C LEU A 137 19.79 19.06 5.87
N ASP A 138 18.52 18.75 6.14
CA ASP A 138 17.34 19.36 5.48
C ASP A 138 17.25 20.84 5.84
N LYS A 139 17.51 21.19 7.10
CA LYS A 139 17.48 22.60 7.51
C LYS A 139 18.52 23.41 6.71
N GLU A 140 19.71 22.85 6.51
CA GLU A 140 20.79 23.51 5.73
C GLU A 140 20.29 23.70 4.28
N LEU A 141 19.72 22.64 3.70
CA LEU A 141 19.36 22.64 2.27
C LEU A 141 18.14 23.54 2.04
N LYS A 142 17.21 23.63 3.00
CA LYS A 142 16.00 24.49 2.89
C LYS A 142 16.40 25.95 2.72
N ALA A 143 17.53 26.39 3.30
CA ALA A 143 18.02 27.78 3.23
C ALA A 143 18.47 28.10 1.80
N LYS A 144 18.79 27.07 1.01
CA LYS A 144 19.24 27.17 -0.40
C LYS A 144 18.11 26.76 -1.35
N GLY A 145 16.87 26.60 -0.86
CA GLY A 145 15.67 26.29 -1.67
C GLY A 145 15.61 24.83 -2.10
N LYS A 146 16.22 23.92 -1.33
CA LYS A 146 16.30 22.48 -1.66
C LYS A 146 15.80 21.68 -0.45
N SER A 147 15.80 20.36 -0.54
CA SER A 147 15.43 19.48 0.57
C SER A 147 16.46 18.36 0.65
N ALA A 148 16.51 17.67 1.78
CA ALA A 148 17.43 16.54 1.98
C ALA A 148 16.93 15.29 1.25
N LEU A 149 15.66 14.90 1.44
CA LEU A 149 15.24 13.54 1.09
C LEU A 149 13.79 13.53 0.60
N MET A 150 13.56 12.86 -0.52
CA MET A 150 12.19 12.56 -1.01
C MET A 150 12.18 11.15 -1.59
N PHE A 151 11.20 10.36 -1.14
CA PHE A 151 10.94 9.01 -1.65
C PHE A 151 9.45 8.69 -1.51
N ASN A 152 9.04 7.64 -2.19
CA ASN A 152 7.62 7.24 -2.32
C ASN A 152 7.07 6.90 -0.93
N LEU A 153 6.13 7.68 -0.41
CA LEU A 153 5.48 7.38 0.90
C LEU A 153 4.12 6.69 0.72
N GLN A 154 3.76 6.26 -0.49
CA GLN A 154 2.45 5.63 -0.76
C GLN A 154 2.59 4.10 -0.80
N GLU A 155 3.79 3.61 -1.03
CA GLU A 155 4.07 2.15 -1.09
C GLU A 155 4.97 1.80 0.09
N PRO A 156 4.51 0.89 0.96
CA PRO A 156 5.24 0.57 2.18
C PRO A 156 6.61 -0.06 1.92
N TYR A 157 6.82 -0.63 0.73
CA TYR A 157 8.14 -1.15 0.31
C TYR A 157 9.26 -0.15 0.65
N PHE A 158 9.02 1.14 0.44
CA PHE A 158 10.07 2.18 0.56
C PHE A 158 10.31 2.58 2.03
N THR A 159 9.33 2.36 2.92
CA THR A 159 9.44 2.73 4.35
CA THR A 159 9.44 2.74 4.36
C THR A 159 9.89 1.53 5.19
N TRP A 160 9.65 0.32 4.68
CA TRP A 160 9.98 -0.95 5.38
C TRP A 160 11.42 -0.99 5.86
N PRO A 161 12.43 -0.53 5.08
CA PRO A 161 13.81 -0.59 5.56
C PRO A 161 14.02 0.09 6.93
N LEU A 162 13.38 1.25 7.14
CA LEU A 162 13.43 2.01 8.40
C LEU A 162 12.59 1.31 9.47
N ILE A 163 11.40 0.81 9.11
CA ILE A 163 10.52 0.12 10.09
C ILE A 163 11.24 -1.14 10.62
N ALA A 164 11.95 -1.87 9.77
CA ALA A 164 12.60 -3.16 10.12
C ALA A 164 13.88 -2.94 10.94
N ALA A 165 14.56 -1.80 10.78
CA ALA A 165 15.92 -1.54 11.29
C ALA A 165 16.01 -1.91 12.77
N ASP A 166 15.08 -1.42 13.59
CA ASP A 166 15.18 -1.57 15.06
C ASP A 166 14.31 -2.76 15.51
N GLY A 167 13.74 -3.56 14.61
CA GLY A 167 13.09 -4.81 15.08
C GLY A 167 11.77 -5.18 14.40
N GLY A 168 11.27 -4.35 13.49
CA GLY A 168 10.10 -4.73 12.66
C GLY A 168 10.40 -6.00 11.87
N TYR A 169 9.42 -6.87 11.71
CA TYR A 169 9.55 -8.03 10.80
C TYR A 169 8.15 -8.42 10.32
N ALA A 170 8.12 -9.20 9.26
CA ALA A 170 6.84 -9.76 8.74
C ALA A 170 6.53 -11.01 9.58
N PHE A 171 7.14 -12.14 9.21
CA PHE A 171 6.84 -13.44 9.83
C PHE A 171 8.12 -14.07 10.35
N LYS A 172 8.03 -14.73 11.51
CA LYS A 172 9.14 -15.52 12.07
C LYS A 172 9.38 -16.69 11.10
N TYR A 173 10.59 -16.74 10.54
CA TYR A 173 11.13 -17.80 9.68
C TYR A 173 12.22 -18.56 10.43
N GLU A 174 11.99 -19.81 10.78
CA GLU A 174 12.98 -20.65 11.48
C GLU A 174 12.84 -22.09 10.98
N ASN A 175 13.95 -22.80 10.89
CA ASN A 175 13.95 -24.25 10.61
C ASN A 175 13.20 -24.45 9.28
N GLY A 176 13.28 -23.49 8.37
CA GLY A 176 12.71 -23.60 7.02
C GLY A 176 11.21 -23.30 6.93
N LYS A 177 10.55 -22.85 8.01
CA LYS A 177 9.08 -22.65 8.00
C LYS A 177 8.73 -21.26 8.52
N TYR A 178 7.64 -20.70 8.01
CA TYR A 178 7.06 -19.44 8.51
C TYR A 178 5.94 -19.77 9.52
N ASP A 179 5.96 -19.11 10.68
CA ASP A 179 4.85 -19.08 11.66
C ASP A 179 4.05 -17.80 11.45
N ILE A 180 2.91 -17.89 10.79
CA ILE A 180 2.11 -16.67 10.49
C ILE A 180 1.35 -16.18 11.74
N LYS A 181 1.45 -16.86 12.88
CA LYS A 181 0.90 -16.34 14.15
C LYS A 181 1.97 -15.50 14.87
N ASP A 182 3.19 -15.38 14.34
CA ASP A 182 4.28 -14.58 14.95
C ASP A 182 4.66 -13.44 14.01
N VAL A 183 3.99 -12.32 14.16
CA VAL A 183 4.08 -11.16 13.23
C VAL A 183 4.81 -10.01 13.96
N GLY A 184 5.66 -9.27 13.25
CA GLY A 184 6.51 -8.24 13.87
C GLY A 184 6.17 -6.84 13.40
N VAL A 185 4.89 -6.55 13.15
CA VAL A 185 4.42 -5.20 12.71
C VAL A 185 4.15 -4.30 13.92
N ASP A 186 3.59 -4.86 14.99
CA ASP A 186 3.20 -4.19 16.27
C ASP A 186 4.22 -4.57 17.33
N ASN A 187 5.44 -4.03 17.25
CA ASN A 187 6.49 -4.24 18.27
C ASN A 187 7.25 -2.94 18.44
N ALA A 188 8.12 -2.86 19.46
CA ALA A 188 8.83 -1.61 19.82
C ALA A 188 9.71 -1.12 18.65
N GLY A 189 10.33 -2.01 17.88
CA GLY A 189 11.22 -1.66 16.75
C GLY A 189 10.46 -1.02 15.59
N ALA A 190 9.36 -1.65 15.16
CA ALA A 190 8.47 -1.11 14.11
C ALA A 190 7.96 0.29 14.54
N LYS A 191 7.54 0.47 15.78
CA LYS A 191 7.02 1.75 16.30
C LYS A 191 8.11 2.84 16.28
N ALA A 192 9.32 2.50 16.70
CA ALA A 192 10.48 3.42 16.69
C ALA A 192 10.72 3.94 15.27
N GLY A 193 10.79 3.04 14.29
CA GLY A 193 11.04 3.39 12.87
C GLY A 193 9.92 4.25 12.31
N LEU A 194 8.67 3.86 12.54
CA LEU A 194 7.55 4.60 11.93
C LEU A 194 7.42 5.95 12.64
N THR A 195 7.71 6.04 13.94
CA THR A 195 7.70 7.33 14.69
C THR A 195 8.72 8.27 14.05
N PHE A 196 9.93 7.78 13.77
CA PHE A 196 10.98 8.61 13.10
C PHE A 196 10.42 9.16 11.77
N LEU A 197 9.76 8.32 10.97
CA LEU A 197 9.20 8.73 9.67
C LEU A 197 8.12 9.82 9.86
N VAL A 198 7.20 9.59 10.79
CA VAL A 198 6.07 10.52 11.06
C VAL A 198 6.66 11.84 11.58
N ASP A 199 7.70 11.78 12.40
CA ASP A 199 8.40 13.00 12.91
C ASP A 199 9.01 13.80 11.75
N LEU A 200 9.61 13.11 10.75
CA LEU A 200 10.19 13.81 9.58
C LEU A 200 9.06 14.61 8.92
N ILE A 201 7.84 14.04 8.87
CA ILE A 201 6.69 14.70 8.18
C ILE A 201 6.18 15.86 9.02
N LYS A 202 5.92 15.62 10.31
CA LYS A 202 5.41 16.67 11.23
C LYS A 202 6.36 17.87 11.25
N ASN A 203 7.68 17.61 11.18
CA ASN A 203 8.75 18.64 11.17
C ASN A 203 8.98 19.21 9.75
N LYS A 204 8.22 18.74 8.74
CA LYS A 204 8.17 19.31 7.35
C LYS A 204 9.47 19.05 6.59
N HIS A 205 10.19 18.00 6.97
CA HIS A 205 11.35 17.45 6.22
C HIS A 205 10.80 16.61 5.07
N MET A 206 9.58 16.07 5.20
CA MET A 206 8.92 15.28 4.12
C MET A 206 7.42 15.57 4.13
N ASN A 207 6.75 15.20 3.04
CA ASN A 207 5.33 15.51 2.80
C ASN A 207 4.60 14.17 2.64
N ALA A 208 3.55 13.92 3.43
CA ALA A 208 2.81 12.63 3.42
C ALA A 208 2.28 12.29 2.01
N ASP A 209 2.06 13.29 1.14
CA ASP A 209 1.45 13.06 -0.21
C ASP A 209 2.49 12.64 -1.27
N THR A 210 3.78 12.66 -0.96
CA THR A 210 4.84 12.34 -1.96
C THR A 210 4.67 10.89 -2.44
N ASP A 211 4.66 10.70 -3.76
CA ASP A 211 4.52 9.38 -4.39
C ASP A 211 5.78 9.08 -5.21
N TYR A 212 5.75 8.01 -5.98
CA TYR A 212 6.94 7.60 -6.76
C TYR A 212 7.32 8.73 -7.73
N SER A 213 6.35 9.24 -8.48
CA SER A 213 6.62 10.17 -9.59
CA SER A 213 6.66 10.16 -9.59
C SER A 213 7.12 11.51 -9.02
N ILE A 214 6.51 11.98 -7.92
CA ILE A 214 6.93 13.28 -7.31
C ILE A 214 8.39 13.18 -6.83
N ALA A 215 8.78 12.12 -6.12
CA ALA A 215 10.14 11.94 -5.59
C ALA A 215 11.13 11.80 -6.76
N GLU A 216 10.79 11.01 -7.78
CA GLU A 216 11.71 10.79 -8.93
C GLU A 216 11.94 12.14 -9.62
N ALA A 217 10.90 12.92 -9.87
CA ALA A 217 11.06 14.20 -10.59
C ALA A 217 11.92 15.15 -9.74
N ALA A 218 11.63 15.23 -8.44
CA ALA A 218 12.37 16.17 -7.56
C ALA A 218 13.86 15.79 -7.58
N PHE A 219 14.18 14.50 -7.49
CA PHE A 219 15.60 14.07 -7.47
C PHE A 219 16.22 14.36 -8.83
N ASN A 220 15.51 14.03 -9.92
CA ASN A 220 16.10 14.09 -11.26
C ASN A 220 16.20 15.56 -11.72
N LYS A 221 15.46 16.49 -11.11
CA LYS A 221 15.57 17.95 -11.38
C LYS A 221 16.56 18.64 -10.43
N GLY A 222 17.14 17.92 -9.48
CA GLY A 222 18.12 18.48 -8.54
C GLY A 222 17.51 19.30 -7.42
N GLU A 223 16.23 19.09 -7.08
CA GLU A 223 15.54 19.83 -6.00
C GLU A 223 15.80 19.19 -4.64
N THR A 224 16.09 17.89 -4.60
CA THR A 224 16.25 17.12 -3.34
C THR A 224 17.60 16.40 -3.43
N ALA A 225 18.32 16.30 -2.34
CA ALA A 225 19.71 15.77 -2.33
C ALA A 225 19.74 14.24 -2.37
N MET A 226 18.64 13.57 -1.99
CA MET A 226 18.62 12.12 -1.78
C MET A 226 17.26 11.54 -2.15
N THR A 227 17.27 10.30 -2.59
CA THR A 227 16.02 9.51 -2.71
C THR A 227 16.35 8.08 -2.30
N ILE A 228 15.33 7.24 -2.26
CA ILE A 228 15.45 5.80 -1.98
C ILE A 228 14.75 5.10 -3.12
N ASN A 229 15.48 4.26 -3.84
CA ASN A 229 14.94 3.60 -5.04
C ASN A 229 15.79 2.39 -5.41
N GLY A 230 15.29 1.63 -6.35
CA GLY A 230 15.92 0.40 -6.83
C GLY A 230 16.63 0.62 -8.16
N PRO A 231 17.27 -0.45 -8.68
CA PRO A 231 18.09 -0.36 -9.88
C PRO A 231 17.35 0.17 -11.12
N TRP A 232 16.05 -0.12 -11.23
CA TRP A 232 15.22 0.29 -12.38
C TRP A 232 15.26 1.81 -12.53
N ALA A 233 15.41 2.55 -11.43
CA ALA A 233 15.37 4.03 -11.40
C ALA A 233 16.62 4.64 -12.03
N TRP A 234 17.71 3.88 -12.21
CA TRP A 234 19.01 4.48 -12.62
C TRP A 234 18.94 5.04 -14.04
N SER A 235 18.15 4.42 -14.92
CA SER A 235 18.04 4.83 -16.34
C SER A 235 17.60 6.30 -16.40
N ASN A 236 16.50 6.68 -15.74
CA ASN A 236 15.98 8.08 -15.78
C ASN A 236 16.96 9.05 -15.09
N ILE A 237 17.64 8.60 -14.02
CA ILE A 237 18.69 9.49 -13.42
C ILE A 237 19.81 9.72 -14.44
N ASP A 238 20.28 8.69 -15.16
CA ASP A 238 21.31 8.86 -16.22
C ASP A 238 20.83 9.90 -17.25
N THR A 239 19.59 9.78 -17.71
CA THR A 239 19.02 10.74 -18.69
C THR A 239 19.06 12.18 -18.16
N SER A 240 18.78 12.39 -16.86
CA SER A 240 18.74 13.68 -16.13
CA SER A 240 18.71 13.76 -16.30
C SER A 240 20.12 14.33 -16.06
N LYS A 241 21.18 13.53 -16.18
CA LYS A 241 22.60 14.02 -16.04
C LYS A 241 22.91 14.45 -14.60
N VAL A 242 22.13 14.04 -13.61
CA VAL A 242 22.51 14.28 -12.18
C VAL A 242 23.77 13.46 -11.88
N ASN A 243 24.72 14.07 -11.18
CA ASN A 243 25.94 13.40 -10.68
C ASN A 243 25.52 12.59 -9.42
N TYR A 244 25.17 11.30 -9.55
CA TYR A 244 24.59 10.51 -8.44
C TYR A 244 25.52 9.39 -7.98
N GLY A 245 25.39 9.08 -6.71
CA GLY A 245 25.98 7.90 -6.04
C GLY A 245 24.89 6.97 -5.56
N VAL A 246 25.14 5.67 -5.62
CA VAL A 246 24.23 4.62 -5.08
C VAL A 246 24.99 3.97 -3.90
N THR A 247 24.40 4.00 -2.71
CA THR A 247 25.18 3.71 -1.49
C THR A 247 24.32 3.00 -0.44
N VAL A 248 24.98 2.51 0.62
CA VAL A 248 24.30 1.85 1.77
C VAL A 248 23.25 2.82 2.34
N LEU A 249 22.09 2.29 2.67
CA LEU A 249 21.02 3.07 3.32
C LEU A 249 21.55 3.58 4.67
N PRO A 250 21.03 4.71 5.20
CA PRO A 250 21.48 5.20 6.50
C PRO A 250 21.08 4.23 7.64
N THR A 251 21.86 4.22 8.72
CA THR A 251 21.52 3.46 9.95
C THR A 251 20.38 4.19 10.71
N PHE A 252 19.68 3.43 11.55
CA PHE A 252 18.68 3.95 12.49
C PHE A 252 18.98 3.32 13.86
N LYS A 253 19.13 4.16 14.88
CA LYS A 253 19.51 3.73 16.25
C LYS A 253 20.75 2.84 16.14
N GLY A 254 21.70 3.24 15.29
CA GLY A 254 23.00 2.56 15.11
C GLY A 254 22.88 1.24 14.36
N GLN A 255 21.70 0.84 13.87
CA GLN A 255 21.54 -0.47 13.17
C GLN A 255 21.25 -0.26 11.69
N PRO A 256 21.62 -1.20 10.81
CA PRO A 256 21.39 -1.05 9.38
C PRO A 256 19.89 -0.96 9.03
N SER A 257 19.55 -0.14 8.04
CA SER A 257 18.24 -0.27 7.37
C SER A 257 18.18 -1.66 6.73
N LYS A 258 16.98 -2.26 6.76
CA LYS A 258 16.77 -3.68 6.34
C LYS A 258 15.72 -3.72 5.25
N PRO A 259 16.13 -3.48 3.99
CA PRO A 259 15.19 -3.49 2.87
C PRO A 259 14.69 -4.92 2.63
N PHE A 260 13.42 -5.06 2.26
CA PHE A 260 12.82 -6.35 1.86
C PHE A 260 13.35 -6.60 0.45
N VAL A 261 14.07 -7.71 0.23
CA VAL A 261 14.75 -8.03 -1.05
C VAL A 261 13.77 -8.77 -1.96
N GLY A 262 13.58 -8.27 -3.19
CA GLY A 262 12.69 -8.87 -4.20
C GLY A 262 13.50 -9.61 -5.24
N VAL A 263 12.95 -10.71 -5.73
CA VAL A 263 13.46 -11.40 -6.94
C VAL A 263 12.39 -11.22 -8.01
N LEU A 264 12.68 -10.37 -8.99
CA LEU A 264 11.79 -10.26 -10.18
C LEU A 264 11.67 -11.66 -10.76
N SER A 265 10.44 -12.16 -10.92
CA SER A 265 10.17 -13.56 -11.35
C SER A 265 9.07 -13.56 -12.43
N ALA A 266 9.04 -14.63 -13.24
CA ALA A 266 8.05 -14.78 -14.34
C ALA A 266 7.28 -16.07 -14.11
N GLY A 267 5.95 -15.98 -14.00
CA GLY A 267 5.03 -17.12 -13.83
C GLY A 267 4.28 -17.33 -15.12
N ILE A 268 3.82 -18.55 -15.35
CA ILE A 268 3.00 -18.92 -16.54
C ILE A 268 1.56 -19.13 -16.07
N ASN A 269 0.60 -18.47 -16.72
CA ASN A 269 -0.85 -18.51 -16.39
C ASN A 269 -1.32 -19.95 -16.53
N ALA A 270 -1.94 -20.50 -15.48
CA ALA A 270 -2.55 -21.86 -15.51
C ALA A 270 -3.46 -22.03 -16.73
N ALA A 271 -4.16 -20.97 -17.15
CA ALA A 271 -5.17 -21.02 -18.24
C ALA A 271 -4.52 -20.80 -19.61
N SER A 272 -3.22 -20.47 -19.68
CA SER A 272 -2.53 -20.25 -20.98
C SER A 272 -2.61 -21.53 -21.82
N PRO A 273 -3.05 -21.45 -23.11
CA PRO A 273 -2.89 -22.57 -24.03
C PRO A 273 -1.52 -22.55 -24.71
N ASN A 274 -0.59 -21.69 -24.25
CA ASN A 274 0.71 -21.41 -24.90
C ASN A 274 1.86 -21.77 -23.94
N LYS A 275 1.70 -22.82 -23.12
CA LYS A 275 2.61 -23.06 -21.96
C LYS A 275 4.00 -23.49 -22.47
N GLU A 276 4.06 -24.26 -23.55
CA GLU A 276 5.39 -24.70 -24.07
C GLU A 276 6.17 -23.50 -24.72
N LEU A 277 5.43 -22.72 -25.54
CA LEU A 277 5.93 -21.41 -26.09
C LEU A 277 6.44 -20.52 -24.95
N ALA A 278 5.70 -20.42 -23.85
CA ALA A 278 6.09 -19.54 -22.72
C ALA A 278 7.42 -20.06 -22.15
N LYS A 279 7.54 -21.38 -22.00
CA LYS A 279 8.77 -22.02 -21.43
C LYS A 279 9.97 -21.69 -22.33
N GLU A 280 9.72 -21.85 -23.66
CA GLU A 280 10.78 -21.66 -24.69
C GLU A 280 11.26 -20.20 -24.64
N PHE A 281 10.28 -19.25 -24.55
CA PHE A 281 10.56 -17.81 -24.50
C PHE A 281 11.40 -17.53 -23.24
N LEU A 282 10.97 -18.03 -22.08
CA LEU A 282 11.64 -17.69 -20.80
C LEU A 282 13.02 -18.36 -20.73
N GLU A 283 13.15 -19.65 -21.02
CA GLU A 283 14.44 -20.39 -20.89
C GLU A 283 15.45 -20.01 -22.00
N ASN A 284 15.01 -19.96 -23.27
CA ASN A 284 15.97 -19.91 -24.41
C ASN A 284 16.10 -18.52 -25.01
N TYR A 285 15.28 -17.53 -24.60
CA TYR A 285 15.36 -16.14 -25.13
C TYR A 285 15.62 -15.16 -24.00
N LEU A 286 14.79 -15.12 -22.94
CA LEU A 286 14.95 -14.10 -21.88
C LEU A 286 16.18 -14.42 -21.03
N LEU A 287 16.23 -15.63 -20.44
CA LEU A 287 17.27 -16.02 -19.45
C LEU A 287 18.51 -16.53 -20.20
N THR A 288 19.03 -15.67 -21.05
CA THR A 288 20.34 -15.73 -21.78
C THR A 288 21.06 -14.40 -21.55
N ASP A 289 22.37 -14.35 -21.79
CA ASP A 289 23.16 -13.09 -21.74
C ASP A 289 22.48 -12.06 -22.67
N GLU A 290 22.07 -12.47 -23.87
CA GLU A 290 21.50 -11.53 -24.88
C GLU A 290 20.13 -10.99 -24.43
N GLY A 291 19.30 -11.85 -23.85
CA GLY A 291 17.95 -11.51 -23.36
C GLY A 291 18.02 -10.56 -22.18
N LEU A 292 18.83 -10.87 -21.17
CA LEU A 292 18.91 -10.01 -19.97
C LEU A 292 19.61 -8.69 -20.32
N GLU A 293 20.58 -8.71 -21.23
CA GLU A 293 21.21 -7.44 -21.69
C GLU A 293 20.14 -6.52 -22.30
N ALA A 294 19.26 -7.04 -23.16
CA ALA A 294 18.23 -6.21 -23.84
C ALA A 294 17.34 -5.57 -22.77
N VAL A 295 16.92 -6.34 -21.76
CA VAL A 295 16.03 -5.78 -20.70
C VAL A 295 16.82 -4.79 -19.83
N ASN A 296 18.03 -5.17 -19.43
CA ASN A 296 18.86 -4.38 -18.50
C ASN A 296 19.21 -3.02 -19.10
N LYS A 297 19.44 -2.98 -20.41
CA LYS A 297 19.81 -1.73 -21.15
C LYS A 297 18.65 -0.75 -21.14
N ASP A 298 17.42 -1.25 -21.06
CA ASP A 298 16.21 -0.42 -20.94
C ASP A 298 16.13 0.11 -19.49
N LYS A 299 15.89 -0.78 -18.51
CA LYS A 299 15.88 -0.43 -17.08
C LYS A 299 16.70 -1.46 -16.34
N PRO A 300 17.75 -1.03 -15.58
CA PRO A 300 18.60 -1.99 -14.89
C PRO A 300 17.77 -2.97 -14.04
N LEU A 301 18.15 -4.24 -14.10
CA LEU A 301 17.45 -5.34 -13.41
C LEU A 301 17.96 -5.50 -11.98
N GLY A 302 19.20 -5.06 -11.72
CA GLY A 302 19.90 -5.36 -10.45
C GLY A 302 20.87 -6.49 -10.63
N ALA A 303 20.90 -7.47 -9.73
CA ALA A 303 21.84 -8.63 -9.80
C ALA A 303 21.09 -9.81 -10.41
N VAL A 304 21.37 -10.10 -11.69
CA VAL A 304 20.53 -11.05 -12.46
C VAL A 304 20.78 -12.46 -11.93
N ALA A 305 19.75 -13.30 -12.06
CA ALA A 305 19.70 -14.70 -11.57
C ALA A 305 20.62 -15.58 -12.42
N LEU A 306 20.87 -15.22 -13.68
CA LEU A 306 21.76 -15.99 -14.59
C LEU A 306 23.21 -15.71 -14.21
N LYS A 307 23.93 -16.74 -13.77
CA LYS A 307 25.32 -16.63 -13.26
C LYS A 307 26.21 -15.88 -14.27
N SER A 308 26.11 -16.28 -15.55
CA SER A 308 27.07 -15.87 -16.61
C SER A 308 26.94 -14.36 -16.78
N TYR A 309 25.72 -13.82 -16.78
CA TYR A 309 25.54 -12.36 -17.01
C TYR A 309 25.76 -11.60 -15.69
N GLU A 310 25.40 -12.19 -14.56
CA GLU A 310 25.67 -11.54 -13.26
C GLU A 310 27.19 -11.31 -13.11
N GLU A 311 28.02 -12.28 -13.48
CA GLU A 311 29.50 -12.15 -13.41
C GLU A 311 29.96 -10.97 -14.29
N GLU A 312 29.38 -10.85 -15.48
CA GLU A 312 29.71 -9.76 -16.44
C GLU A 312 29.39 -8.39 -15.81
N LEU A 313 28.24 -8.23 -15.17
CA LEU A 313 27.82 -6.90 -14.63
C LEU A 313 28.36 -6.68 -13.20
N ALA A 314 28.92 -7.70 -12.54
CA ALA A 314 29.16 -7.72 -11.07
C ALA A 314 29.99 -6.51 -10.62
N LYS A 315 30.84 -5.97 -11.49
CA LYS A 315 31.81 -4.91 -11.09
C LYS A 315 31.15 -3.52 -11.09
N ASP A 316 29.88 -3.39 -11.48
CA ASP A 316 29.17 -2.09 -11.41
C ASP A 316 29.02 -1.70 -9.94
N PRO A 317 29.58 -0.57 -9.46
CA PRO A 317 29.49 -0.20 -8.05
C PRO A 317 28.04 -0.02 -7.61
N ARG A 318 27.14 0.32 -8.52
CA ARG A 318 25.72 0.52 -8.17
C ARG A 318 25.13 -0.84 -7.81
N ILE A 319 25.56 -1.90 -8.50
CA ILE A 319 25.07 -3.28 -8.24
C ILE A 319 25.72 -3.77 -6.94
N ALA A 320 27.00 -3.46 -6.72
CA ALA A 320 27.70 -3.75 -5.44
C ALA A 320 26.90 -3.15 -4.27
N ALA A 321 26.51 -1.87 -4.35
CA ALA A 321 25.76 -1.20 -3.28
C ALA A 321 24.39 -1.87 -3.12
N THR A 322 23.74 -2.22 -4.24
CA THR A 322 22.46 -2.98 -4.22
C THR A 322 22.64 -4.24 -3.34
N MET A 323 23.63 -5.07 -3.65
CA MET A 323 23.82 -6.36 -2.94
C MET A 323 24.25 -6.12 -1.48
N GLU A 324 24.99 -5.05 -1.18
CA GLU A 324 25.33 -4.68 0.22
C GLU A 324 24.04 -4.40 1.01
N ASN A 325 23.11 -3.66 0.41
CA ASN A 325 21.79 -3.36 1.04
C ASN A 325 20.99 -4.66 1.12
N ALA A 326 21.05 -5.52 0.09
CA ALA A 326 20.31 -6.81 0.10
C ALA A 326 20.79 -7.67 1.26
N GLN A 327 22.11 -7.71 1.49
CA GLN A 327 22.75 -8.54 2.53
CA GLN A 327 22.71 -8.59 2.53
C GLN A 327 22.28 -8.11 3.93
N LYS A 328 22.02 -6.82 4.11
CA LYS A 328 21.56 -6.25 5.42
C LYS A 328 20.05 -6.47 5.61
N GLY A 329 19.29 -6.59 4.53
CA GLY A 329 17.83 -6.83 4.56
C GLY A 329 17.52 -8.32 4.59
N GLU A 330 16.29 -8.70 4.27
CA GLU A 330 15.79 -10.09 4.29
C GLU A 330 15.11 -10.36 2.95
N ILE A 331 15.23 -11.58 2.43
CA ILE A 331 14.42 -12.05 1.27
C ILE A 331 12.94 -12.00 1.66
N MET A 332 12.06 -11.45 0.83
CA MET A 332 10.63 -11.44 1.18
C MET A 332 10.15 -12.89 1.24
N PRO A 333 9.24 -13.24 2.16
CA PRO A 333 8.52 -14.49 2.03
C PRO A 333 7.76 -14.50 0.69
N ASN A 334 7.46 -15.68 0.16
CA ASN A 334 6.59 -15.80 -1.04
C ASN A 334 5.19 -16.34 -0.65
N ILE A 335 4.89 -16.43 0.64
CA ILE A 335 3.70 -17.18 1.13
C ILE A 335 2.42 -16.41 0.81
N PRO A 336 1.25 -17.09 0.78
CA PRO A 336 -0.02 -16.44 0.42
C PRO A 336 -0.41 -15.23 1.30
N GLN A 337 0.14 -15.15 2.51
CA GLN A 337 -0.15 -14.10 3.52
C GLN A 337 0.47 -12.76 3.14
N MET A 338 1.38 -12.70 2.16
CA MET A 338 2.09 -11.45 1.81
C MET A 338 1.13 -10.34 1.31
N SER A 339 0.08 -10.65 0.55
CA SER A 339 -0.88 -9.61 0.10
C SER A 339 -1.49 -8.89 1.31
N ALA A 340 -1.97 -9.64 2.29
CA ALA A 340 -2.65 -9.07 3.48
C ALA A 340 -1.61 -8.31 4.28
N PHE A 341 -0.38 -8.83 4.36
CA PHE A 341 0.73 -8.18 5.09
C PHE A 341 0.95 -6.78 4.51
N TRP A 342 1.13 -6.72 3.20
CA TRP A 342 1.51 -5.44 2.56
C TRP A 342 0.34 -4.45 2.66
N TYR A 343 -0.88 -4.89 2.45
CA TYR A 343 -2.07 -4.00 2.56
C TYR A 343 -2.07 -3.38 3.97
N ALA A 344 -1.79 -4.19 4.99
CA ALA A 344 -1.89 -3.73 6.40
C ALA A 344 -0.80 -2.68 6.66
N VAL A 345 0.41 -2.95 6.20
CA VAL A 345 1.54 -2.02 6.43
C VAL A 345 1.33 -0.76 5.58
N ARG A 346 0.82 -0.89 4.36
CA ARG A 346 0.41 0.25 3.50
CA ARG A 346 0.43 0.28 3.51
C ARG A 346 -0.54 1.15 4.31
N THR A 347 -1.60 0.57 4.87
CA THR A 347 -2.61 1.28 5.64
C THR A 347 -1.94 1.97 6.85
N ALA A 348 -1.12 1.25 7.62
CA ALA A 348 -0.45 1.83 8.81
C ALA A 348 0.38 3.06 8.42
N VAL A 349 1.21 2.93 7.37
CA VAL A 349 2.12 4.06 6.96
C VAL A 349 1.28 5.25 6.49
N ILE A 350 0.34 5.03 5.58
CA ILE A 350 -0.52 6.13 5.03
C ILE A 350 -1.28 6.79 6.19
N ASN A 351 -1.89 6.00 7.08
CA ASN A 351 -2.74 6.59 8.15
C ASN A 351 -1.86 7.35 9.14
N ALA A 352 -0.70 6.78 9.55
CA ALA A 352 0.19 7.47 10.51
C ALA A 352 0.79 8.74 9.89
N ALA A 353 1.27 8.68 8.64
CA ALA A 353 1.90 9.82 7.95
C ALA A 353 0.89 10.98 7.82
N SER A 354 -0.41 10.70 7.66
CA SER A 354 -1.45 11.73 7.45
C SER A 354 -2.20 12.05 8.74
N GLY A 355 -1.83 11.43 9.87
CA GLY A 355 -2.44 11.76 11.18
C GLY A 355 -3.80 11.09 11.40
N ARG A 356 -4.25 10.19 10.52
CA ARG A 356 -5.58 9.57 10.64
C ARG A 356 -5.58 8.59 11.82
N GLN A 357 -4.39 8.05 12.12
CA GLN A 357 -4.12 7.21 13.32
C GLN A 357 -2.77 7.68 13.91
N THR A 358 -2.58 7.50 15.23
CA THR A 358 -1.24 7.58 15.86
C THR A 358 -0.40 6.38 15.38
N VAL A 359 0.92 6.45 15.54
CA VAL A 359 1.83 5.33 15.20
C VAL A 359 1.39 4.08 15.97
N ASP A 360 1.06 4.20 17.24
CA ASP A 360 0.71 3.00 18.04
CA ASP A 360 0.66 3.02 18.06
C ASP A 360 -0.63 2.41 17.53
N GLU A 361 -1.66 3.23 17.35
CA GLU A 361 -2.98 2.76 16.79
C GLU A 361 -2.71 2.12 15.42
N ALA A 362 -1.93 2.77 14.57
CA ALA A 362 -1.74 2.35 13.16
C ALA A 362 -1.17 0.92 13.14
N LEU A 363 -0.08 0.71 13.86
CA LEU A 363 0.63 -0.60 13.85
C LEU A 363 -0.16 -1.64 14.66
N LYS A 364 -0.79 -1.24 15.75
CA LYS A 364 -1.64 -2.20 16.52
C LYS A 364 -2.77 -2.68 15.61
N ASP A 365 -3.45 -1.75 14.92
CA ASP A 365 -4.61 -2.13 14.04
C ASP A 365 -4.10 -2.93 12.83
N ALA A 366 -2.95 -2.58 12.28
CA ALA A 366 -2.41 -3.24 11.08
C ALA A 366 -2.19 -4.72 11.44
N GLN A 367 -1.61 -5.00 12.60
CA GLN A 367 -1.31 -6.39 12.98
C GLN A 367 -2.61 -7.16 13.28
N THR A 368 -3.53 -6.57 14.06
CA THR A 368 -4.84 -7.19 14.39
C THR A 368 -5.58 -7.54 13.11
N ASN A 369 -5.60 -6.61 12.18
CA ASN A 369 -6.51 -6.74 11.00
C ASN A 369 -5.85 -7.68 9.97
N ALA A 370 -4.52 -7.66 9.84
CA ALA A 370 -3.78 -8.60 8.98
C ALA A 370 -3.97 -10.03 9.51
N ALA A 371 -3.88 -10.19 10.83
CA ALA A 371 -4.01 -11.51 11.47
C ALA A 371 -5.39 -12.12 11.14
N ALA A 372 -6.42 -11.29 10.99
CA ALA A 372 -7.79 -11.73 10.68
C ALA A 372 -7.84 -12.37 9.29
N GLU A 373 -7.02 -11.86 8.36
CA GLU A 373 -6.83 -12.47 7.02
C GLU A 373 -5.86 -13.65 7.10
N PHE A 374 -4.76 -13.53 7.82
CA PHE A 374 -3.72 -14.60 7.86
C PHE A 374 -4.35 -15.93 8.26
N GLY A 375 -5.31 -15.89 9.18
CA GLY A 375 -5.90 -17.13 9.69
C GLY A 375 -7.14 -17.60 8.94
N GLY A 376 -7.56 -16.92 7.86
CA GLY A 376 -8.61 -17.40 6.93
C GLY A 376 -10.03 -17.02 7.35
N THR A 377 -10.23 -16.44 8.54
CA THR A 377 -11.51 -15.91 9.05
C THR A 377 -12.13 -14.94 8.04
N VAL A 378 -11.35 -13.92 7.65
CA VAL A 378 -11.80 -12.82 6.77
C VAL A 378 -11.40 -13.11 5.32
N LYS A 379 -12.38 -13.23 4.44
CA LYS A 379 -12.23 -13.57 3.01
C LYS A 379 -12.97 -12.58 2.11
N ASN A 380 -13.84 -11.75 2.68
CA ASN A 380 -14.74 -10.83 1.93
C ASN A 380 -15.25 -9.82 2.95
N TYR A 381 -15.99 -8.80 2.50
CA TYR A 381 -16.39 -7.72 3.41
C TYR A 381 -17.36 -8.25 4.46
N GLU A 382 -18.20 -9.24 4.12
CA GLU A 382 -19.24 -9.71 5.08
C GLU A 382 -18.52 -10.37 6.26
N THR A 383 -17.54 -11.24 5.98
CA THR A 383 -16.74 -11.90 7.04
C THR A 383 -15.85 -10.87 7.75
N ALA A 384 -15.32 -9.86 7.06
CA ALA A 384 -14.53 -8.78 7.72
C ALA A 384 -15.40 -8.09 8.77
N VAL A 385 -16.62 -7.73 8.39
CA VAL A 385 -17.51 -6.94 9.26
C VAL A 385 -17.83 -7.79 10.52
N GLN A 386 -18.06 -9.08 10.36
CA GLN A 386 -18.32 -9.99 11.51
C GLN A 386 -17.07 -10.05 12.40
N PHE A 387 -15.87 -10.08 11.82
CA PHE A 387 -14.62 -9.98 12.60
C PHE A 387 -14.59 -8.68 13.40
N CYS A 388 -14.85 -7.53 12.77
CA CYS A 388 -14.79 -6.20 13.42
C CYS A 388 -15.79 -6.17 14.59
N TRP A 389 -16.99 -6.66 14.33
CA TRP A 389 -18.09 -6.69 15.33
C TRP A 389 -17.70 -7.56 16.53
N ASN A 390 -17.17 -8.76 16.30
CA ASN A 390 -16.77 -9.73 17.36
C ASN A 390 -15.68 -9.10 18.23
N HIS A 391 -14.64 -8.52 17.61
CA HIS A 391 -13.52 -7.83 18.32
C HIS A 391 -14.11 -6.76 19.25
N TYR A 392 -15.02 -5.95 18.72
CA TYR A 392 -15.70 -4.85 19.44
C TYR A 392 -16.53 -5.38 20.61
N LYS A 393 -17.36 -6.40 20.36
CA LYS A 393 -18.18 -7.02 21.42
CA LYS A 393 -18.19 -7.05 21.40
C LYS A 393 -17.27 -7.57 22.53
N ASP A 394 -16.14 -8.16 22.18
CA ASP A 394 -15.18 -8.69 23.20
C ASP A 394 -14.69 -7.55 24.10
N GLN A 395 -14.51 -6.33 23.58
CA GLN A 395 -14.03 -5.18 24.39
C GLN A 395 -15.19 -4.63 25.22
N MET A 396 -16.39 -4.66 24.67
CA MET A 396 -17.58 -4.00 25.27
C MET A 396 -18.21 -4.87 26.38
N ASP A 397 -18.25 -6.19 26.19
CA ASP A 397 -18.97 -7.10 27.14
C ASP A 397 -18.44 -6.91 28.57
N PRO A 398 -17.11 -6.85 28.83
CA PRO A 398 -16.62 -6.73 30.20
C PRO A 398 -16.89 -5.37 30.87
N ILE A 399 -17.25 -4.33 30.10
CA ILE A 399 -17.42 -2.94 30.63
C ILE A 399 -18.88 -2.49 30.53
N GLU A 400 -19.83 -3.41 30.63
CA GLU A 400 -21.28 -3.09 30.43
C GLU A 400 -21.73 -1.94 31.35
N LYS A 401 -21.27 -1.92 32.60
CA LYS A 401 -21.78 -0.91 33.55
C LYS A 401 -21.37 0.49 33.05
N ASP A 402 -20.34 0.59 32.20
CA ASP A 402 -19.78 1.87 31.71
C ASP A 402 -20.14 2.16 30.24
N TRP A 403 -21.21 1.56 29.67
CA TRP A 403 -21.52 1.75 28.23
C TRP A 403 -21.93 3.20 27.97
N CYS A 404 -22.38 3.92 28.99
CA CYS A 404 -22.75 5.36 28.83
C CYS A 404 -21.60 6.31 29.23
N ASP A 405 -20.39 5.77 29.41
CA ASP A 405 -19.19 6.54 29.76
C ASP A 405 -18.27 6.62 28.53
N TRP A 406 -18.22 7.80 27.90
CA TRP A 406 -17.36 8.07 26.72
C TRP A 406 -15.90 7.73 27.02
N ALA A 407 -15.41 7.97 28.24
CA ALA A 407 -14.00 7.70 28.61
C ALA A 407 -13.72 6.19 28.47
N MET A 408 -14.72 5.33 28.69
CA MET A 408 -14.53 3.86 28.65
C MET A 408 -14.87 3.26 27.26
N ILE A 409 -15.82 3.83 26.51
CA ILE A 409 -16.26 3.21 25.23
C ILE A 409 -15.69 3.94 24.00
N SER A 410 -15.08 5.09 24.13
CA SER A 410 -14.62 5.86 22.95
C SER A 410 -13.50 5.10 22.20
N ARG A 411 -12.56 4.40 22.87
CA ARG A 411 -11.48 3.71 22.14
C ARG A 411 -12.04 2.49 21.41
N PRO A 412 -12.86 1.62 22.06
CA PRO A 412 -13.51 0.52 21.35
C PRO A 412 -14.35 1.00 20.15
N TYR A 413 -15.10 2.09 20.32
CA TYR A 413 -16.00 2.64 19.28
C TYR A 413 -15.17 3.14 18.10
N SER A 414 -14.06 3.80 18.40
CA SER A 414 -13.09 4.30 17.40
C SER A 414 -12.43 3.12 16.66
N THR A 415 -12.00 2.09 17.39
CA THR A 415 -11.37 0.90 16.80
C THR A 415 -12.37 0.19 15.88
N LEU A 416 -13.65 0.10 16.25
CA LEU A 416 -14.69 -0.52 15.38
C LEU A 416 -14.73 0.25 14.06
N ARG A 417 -14.78 1.59 14.10
CA ARG A 417 -14.81 2.36 12.85
C ARG A 417 -13.51 2.11 12.03
N ASP A 418 -12.36 2.12 12.67
CA ASP A 418 -11.09 1.90 11.95
C ASP A 418 -11.08 0.50 11.29
N CYS A 419 -11.61 -0.50 11.97
CA CYS A 419 -11.66 -1.90 11.46
C CYS A 419 -12.59 -1.93 10.23
N LEU A 420 -13.77 -1.32 10.33
CA LEU A 420 -14.74 -1.28 9.20
C LEU A 420 -14.12 -0.54 7.98
N GLU A 421 -13.35 0.53 8.22
N GLU A 421 -13.35 0.53 8.21
CA GLU A 421 -12.71 1.33 7.15
CA GLU A 421 -12.70 1.32 7.13
C GLU A 421 -11.52 0.58 6.52
C GLU A 421 -11.53 0.56 6.51
N HIS A 422 -10.69 -0.06 7.33
CA HIS A 422 -9.57 -0.91 6.88
C HIS A 422 -10.11 -1.90 5.85
N PHE A 423 -11.16 -2.64 6.21
CA PHE A 423 -11.65 -3.74 5.36
C PHE A 423 -12.47 -3.19 4.17
N ALA A 424 -13.13 -2.04 4.30
CA ALA A 424 -13.91 -1.47 3.16
C ALA A 424 -12.94 -1.23 2.00
N GLU A 425 -11.80 -0.57 2.30
CA GLU A 425 -10.77 -0.24 1.27
C GLU A 425 -10.17 -1.54 0.76
N ARG A 426 -9.99 -2.51 1.66
CA ARG A 426 -9.40 -3.83 1.29
C ARG A 426 -10.25 -4.50 0.22
N PHE A 427 -11.56 -4.35 0.27
CA PHE A 427 -12.47 -5.02 -0.69
C PHE A 427 -13.04 -4.02 -1.69
N ASP A 428 -12.32 -2.91 -1.93
CA ASP A 428 -12.67 -1.83 -2.90
C ASP A 428 -14.12 -1.33 -2.71
N LEU A 429 -14.57 -1.16 -1.46
CA LEU A 429 -15.80 -0.41 -1.11
C LEU A 429 -15.42 0.97 -0.58
N GLY A 430 -16.29 1.96 -0.82
CA GLY A 430 -16.27 3.21 -0.04
C GLY A 430 -16.50 2.97 1.44
N PHE A 431 -16.08 3.95 2.25
CA PHE A 431 -16.57 4.14 3.63
C PHE A 431 -17.17 5.53 3.68
N PRO A 432 -18.45 5.69 4.12
CA PRO A 432 -19.20 4.62 4.77
C PRO A 432 -19.82 3.76 3.66
N ASN A 433 -20.49 2.69 4.05
CA ASN A 433 -21.20 1.80 3.11
C ASN A 433 -22.38 1.20 3.86
N PRO A 434 -23.36 0.61 3.16
CA PRO A 434 -24.57 0.11 3.83
C PRO A 434 -24.31 -0.90 4.98
N LEU A 435 -23.40 -1.85 4.81
CA LEU A 435 -23.17 -2.85 5.88
C LEU A 435 -22.50 -2.18 7.10
N ALA A 436 -21.51 -1.32 6.86
CA ALA A 436 -20.85 -0.58 7.96
C ALA A 436 -21.87 0.28 8.72
N GLU A 437 -22.78 0.97 8.02
CA GLU A 437 -23.83 1.85 8.64
CA GLU A 437 -23.77 1.87 8.71
C GLU A 437 -24.72 0.98 9.53
N ARG A 438 -25.03 -0.23 9.07
CA ARG A 438 -25.94 -1.17 9.78
C ARG A 438 -25.28 -1.63 11.09
N ILE A 439 -23.97 -1.89 11.06
CA ILE A 439 -23.19 -2.31 12.26
C ILE A 439 -23.16 -1.17 13.26
N ILE A 440 -22.87 0.05 12.80
CA ILE A 440 -22.80 1.21 13.76
C ILE A 440 -24.22 1.46 14.33
N PHE A 441 -25.28 1.36 13.53
CA PHE A 441 -26.66 1.47 13.99
C PHE A 441 -26.88 0.41 15.08
N GLU A 442 -26.37 -0.81 14.88
CA GLU A 442 -26.59 -1.92 15.85
C GLU A 442 -25.95 -1.60 17.21
N THR A 443 -24.75 -1.03 17.27
CA THR A 443 -24.14 -0.69 18.58
C THR A 443 -24.97 0.41 19.25
N HIS A 444 -25.53 1.37 18.52
CA HIS A 444 -26.43 2.38 19.13
C HIS A 444 -27.67 1.70 19.72
N GLN A 445 -28.17 0.63 19.11
CA GLN A 445 -29.37 -0.10 19.59
C GLN A 445 -29.05 -0.98 20.80
N ILE A 446 -27.88 -1.61 20.86
CA ILE A 446 -27.51 -2.69 21.83
CA ILE A 446 -27.66 -2.63 21.92
C ILE A 446 -26.74 -2.08 23.02
N HIS A 447 -25.80 -1.18 22.73
CA HIS A 447 -24.88 -0.65 23.77
C HIS A 447 -25.31 0.73 24.31
N PHE A 448 -25.84 1.62 23.48
CA PHE A 448 -26.05 3.04 23.86
C PHE A 448 -27.53 3.41 24.01
N ALA A 449 -28.48 2.47 23.88
CA ALA A 449 -29.92 2.78 23.82
C ALA A 449 -30.41 3.39 25.14
N ASN A 450 -29.84 2.99 26.28
CA ASN A 450 -30.25 3.47 27.62
C ASN A 450 -29.56 4.77 28.03
N CYS A 451 -28.59 5.27 27.29
CA CYS A 451 -27.90 6.55 27.58
C CYS A 451 -28.93 7.68 27.46
N SER A 452 -28.92 8.63 28.38
CA SER A 452 -29.97 9.68 28.48
C SER A 452 -29.74 10.78 27.43
N LEU A 453 -28.51 10.97 26.93
CA LEU A 453 -28.17 12.09 26.00
C LEU A 453 -27.89 11.59 24.58
N VAL A 454 -28.14 12.49 23.64
CA VAL A 454 -27.62 12.40 22.25
C VAL A 454 -26.08 12.50 22.27
N GLN A 455 -25.56 13.42 23.05
CA GLN A 455 -24.13 13.73 23.15
C GLN A 455 -23.48 12.70 24.06
N PRO A 456 -22.21 12.34 23.80
CA PRO A 456 -21.45 11.53 24.72
C PRO A 456 -21.26 12.28 26.03
N THR A 457 -21.26 11.53 27.14
CA THR A 457 -21.07 12.06 28.51
C THR A 457 -19.95 11.26 29.16
N PHE A 458 -19.22 11.84 30.11
CA PHE A 458 -18.14 11.10 30.82
C PHE A 458 -18.28 11.42 32.31
N SER A 459 -18.00 10.44 33.18
CA SER A 459 -18.09 10.57 34.67
C SER A 459 -16.77 11.13 35.22
N ILE A 473 -4.74 7.16 27.92
CA ILE A 473 -4.60 7.69 26.52
C ILE A 473 -6.01 7.73 25.90
N GLN A 474 -6.75 8.82 26.14
CA GLN A 474 -8.04 9.11 25.46
C GLN A 474 -7.76 9.29 23.96
N LEU A 475 -8.79 9.43 23.13
CA LEU A 475 -8.59 9.73 21.70
C LEU A 475 -7.87 11.08 21.59
N GLY A 476 -7.11 11.30 20.52
CA GLY A 476 -6.53 12.63 20.27
C GLY A 476 -7.60 13.67 19.98
N VAL A 477 -7.22 14.94 19.93
CA VAL A 477 -8.19 16.06 19.79
C VAL A 477 -9.05 15.86 18.54
N THR A 478 -8.42 15.69 17.36
CA THR A 478 -9.17 15.62 16.09
C THR A 478 -10.03 14.35 16.08
N ARG A 479 -9.46 13.21 16.47
CA ARG A 479 -10.23 11.93 16.39
C ARG A 479 -11.42 11.99 17.35
N ASN A 480 -11.25 12.58 18.52
CA ASN A 480 -12.33 12.74 19.52
C ASN A 480 -13.45 13.62 18.95
N LYS A 481 -13.12 14.72 18.25
CA LYS A 481 -14.17 15.56 17.62
C LYS A 481 -14.94 14.74 16.59
N ILE A 482 -14.21 13.97 15.78
CA ILE A 482 -14.84 13.21 14.66
C ILE A 482 -15.73 12.13 15.27
N MET A 483 -15.25 11.39 16.27
CA MET A 483 -16.03 10.26 16.79
C MET A 483 -17.21 10.78 17.63
N THR A 484 -17.05 11.91 18.32
CA THR A 484 -18.15 12.54 19.08
C THR A 484 -19.27 12.90 18.10
N ALA A 485 -18.89 13.51 16.97
CA ALA A 485 -19.85 13.91 15.93
C ALA A 485 -20.53 12.66 15.38
N GLN A 486 -19.77 11.60 15.16
CA GLN A 486 -20.37 10.36 14.61
C GLN A 486 -21.43 9.85 15.61
N TYR A 487 -21.08 9.81 16.89
CA TYR A 487 -21.94 9.28 17.96
C TYR A 487 -23.24 10.08 18.04
N GLU A 488 -23.14 11.41 17.95
CA GLU A 488 -24.36 12.28 17.95
C GLU A 488 -25.24 11.98 16.75
N CYS A 489 -24.63 11.79 15.58
CA CYS A 489 -25.37 11.49 14.34
C CYS A 489 -26.21 10.23 14.50
N TYR A 490 -25.62 9.13 14.97
CA TYR A 490 -26.29 7.82 15.16
C TYR A 490 -27.25 7.83 16.35
N GLN A 491 -27.04 8.67 17.38
CA GLN A 491 -27.96 8.76 18.53
C GLN A 491 -29.29 9.36 18.09
N LYS A 492 -29.29 10.28 17.14
CA LYS A 492 -30.54 11.02 16.85
C LYS A 492 -30.91 10.89 15.38
N ILE A 493 -30.18 11.55 14.49
CA ILE A 493 -30.62 11.63 13.06
C ILE A 493 -30.78 10.21 12.48
N MET A 494 -29.86 9.30 12.77
CA MET A 494 -29.86 7.97 12.09
C MET A 494 -31.00 7.12 12.64
N GLN A 495 -31.50 7.41 13.86
CA GLN A 495 -32.50 6.56 14.56
C GLN A 495 -33.91 7.12 14.46
N ASP A 496 -34.11 8.30 13.88
CA ASP A 496 -35.47 8.86 13.77
C ASP A 496 -36.33 7.83 13.04
N PRO A 497 -37.46 7.40 13.62
CA PRO A 497 -38.22 6.29 13.06
C PRO A 497 -38.88 6.55 11.69
N ILE A 498 -39.08 7.82 11.29
CA ILE A 498 -39.82 8.13 10.03
C ILE A 498 -39.03 9.12 9.16
N GLN A 499 -39.35 9.12 7.87
CA GLN A 499 -38.72 9.97 6.83
C GLN A 499 -38.86 11.45 7.25
N GLN A 500 -37.81 12.24 7.04
CA GLN A 500 -37.67 13.63 7.54
C GLN A 500 -37.57 14.61 6.36
N ALA A 501 -37.78 14.15 5.13
CA ALA A 501 -37.91 15.01 3.93
C ALA A 501 -39.03 14.43 3.07
N GLU A 502 -39.97 15.27 2.64
CA GLU A 502 -41.16 14.82 1.89
C GLU A 502 -40.76 14.40 0.47
N GLY A 503 -41.46 13.39 -0.05
CA GLY A 503 -41.33 12.92 -1.45
C GLY A 503 -40.11 12.04 -1.60
N VAL A 504 -39.56 11.99 -2.81
CA VAL A 504 -38.33 11.24 -3.12
C VAL A 504 -37.17 11.96 -2.43
N TYR A 505 -36.31 11.22 -1.73
CA TYR A 505 -35.25 11.78 -0.87
C TYR A 505 -34.05 10.85 -0.84
N CYS A 506 -32.88 11.46 -0.66
CA CYS A 506 -31.61 10.78 -0.32
C CYS A 506 -31.63 10.47 1.19
N ASN A 507 -31.38 9.21 1.57
CA ASN A 507 -31.44 8.76 2.98
CA ASN A 507 -31.46 8.76 2.98
C ASN A 507 -30.32 9.40 3.79
N ARG A 508 -30.65 9.84 5.00
CA ARG A 508 -29.72 10.28 6.05
C ARG A 508 -28.49 9.36 6.08
N THR A 509 -27.32 9.96 6.31
CA THR A 509 -26.05 9.22 6.29
C THR A 509 -25.02 9.99 7.10
N TRP A 510 -24.15 9.23 7.73
CA TRP A 510 -22.90 9.76 8.31
C TRP A 510 -21.82 9.53 7.25
N ASP A 511 -21.20 10.60 6.74
CA ASP A 511 -20.28 10.47 5.58
C ASP A 511 -18.84 10.18 6.01
N GLY A 512 -18.56 10.11 7.32
CA GLY A 512 -17.17 9.97 7.86
C GLY A 512 -16.74 11.19 8.64
N TRP A 513 -17.19 12.39 8.24
CA TRP A 513 -16.89 13.67 8.94
C TRP A 513 -18.15 14.42 9.39
N LEU A 514 -19.27 14.34 8.65
CA LEU A 514 -20.51 15.08 8.96
C LEU A 514 -21.75 14.21 8.81
N CYS A 515 -22.76 14.61 9.58
CA CYS A 515 -24.11 14.03 9.60
C CYS A 515 -25.02 14.74 8.60
N TRP A 516 -25.68 14.00 7.70
CA TRP A 516 -26.68 14.51 6.74
C TRP A 516 -28.03 13.86 7.08
N ASN A 517 -29.05 14.69 7.20
CA ASN A 517 -30.44 14.21 7.35
C ASN A 517 -30.96 13.77 5.97
N ASP A 518 -32.12 13.13 5.98
CA ASP A 518 -32.91 12.90 4.75
C ASP A 518 -32.97 14.24 4.01
N VAL A 519 -32.71 14.24 2.71
CA VAL A 519 -32.77 15.50 1.92
C VAL A 519 -33.62 15.23 0.67
N ALA A 520 -34.46 16.18 0.30
CA ALA A 520 -35.34 16.09 -0.89
C ALA A 520 -34.50 15.90 -2.17
N ALA A 521 -34.98 15.03 -3.08
CA ALA A 521 -34.39 14.87 -4.42
C ALA A 521 -34.15 16.25 -5.03
N GLY A 522 -32.99 16.44 -5.65
CA GLY A 522 -32.72 17.64 -6.47
C GLY A 522 -32.20 18.80 -5.62
N THR A 523 -31.54 18.52 -4.53
CA THR A 523 -30.99 19.54 -3.60
C THR A 523 -29.48 19.38 -3.44
N GLU A 524 -28.79 20.50 -3.48
CA GLU A 524 -27.37 20.61 -3.13
C GLU A 524 -27.37 21.05 -1.67
N SER A 525 -27.29 20.10 -0.77
CA SER A 525 -27.34 20.32 0.69
C SER A 525 -26.06 21.02 1.12
N MET A 526 -26.11 21.90 2.12
CA MET A 526 -24.91 22.64 2.56
CA MET A 526 -24.91 22.65 2.57
C MET A 526 -24.82 22.67 4.10
N GLN A 527 -23.60 22.56 4.62
CA GLN A 527 -23.28 22.76 6.06
C GLN A 527 -21.96 23.52 6.14
N LEU A 528 -21.64 24.07 7.31
CA LEU A 528 -20.31 24.71 7.50
C LEU A 528 -19.22 23.63 7.60
N CYS A 529 -18.02 23.97 7.15
CA CYS A 529 -16.83 23.10 7.29
C CYS A 529 -16.61 22.83 8.77
N PRO A 530 -16.32 21.57 9.16
CA PRO A 530 -16.05 21.23 10.56
C PRO A 530 -14.68 21.75 11.02
N ASP A 531 -14.51 21.90 12.33
CA ASP A 531 -13.32 22.49 12.99
C ASP A 531 -12.28 21.41 13.27
N TYR A 532 -12.21 20.37 12.46
CA TYR A 532 -11.37 19.19 12.81
C TYR A 532 -9.87 19.44 12.58
N PHE A 533 -9.51 20.27 11.62
CA PHE A 533 -8.13 20.44 11.10
C PHE A 533 -7.77 21.92 11.13
N GLN A 534 -6.52 22.24 11.42
CA GLN A 534 -6.05 23.65 11.51
CA GLN A 534 -6.04 23.65 11.50
C GLN A 534 -6.16 24.31 10.13
N ASP A 535 -6.21 23.52 9.03
CA ASP A 535 -6.25 24.10 7.67
C ASP A 535 -7.68 24.17 7.13
N PHE A 536 -8.70 23.83 7.93
CA PHE A 536 -10.14 24.01 7.57
C PHE A 536 -10.58 25.40 8.06
N ASP A 537 -11.26 26.12 7.17
CA ASP A 537 -11.91 27.43 7.45
C ASP A 537 -13.33 27.14 7.91
N PRO A 538 -13.66 27.35 9.20
CA PRO A 538 -14.99 26.99 9.72
C PRO A 538 -16.14 27.86 9.19
N SER A 539 -15.82 28.89 8.44
CA SER A 539 -16.82 29.77 7.76
C SER A 539 -17.03 29.33 6.30
N GLU A 540 -16.25 28.37 5.81
CA GLU A 540 -16.41 27.85 4.42
C GLU A 540 -17.46 26.73 4.42
N LYS A 541 -17.88 26.31 3.24
CA LYS A 541 -19.06 25.44 3.04
C LYS A 541 -18.62 24.07 2.57
N VAL A 542 -19.38 23.08 3.01
CA VAL A 542 -19.39 21.68 2.55
C VAL A 542 -20.69 21.51 1.77
N THR A 543 -20.65 20.81 0.63
CA THR A 543 -21.87 20.53 -0.15
C THR A 543 -22.03 19.04 -0.33
N LYS A 544 -23.28 18.61 -0.38
CA LYS A 544 -23.59 17.20 -0.68
C LYS A 544 -24.81 17.20 -1.59
N ILE A 545 -24.67 16.68 -2.80
CA ILE A 545 -25.73 16.74 -3.84
C ILE A 545 -26.61 15.49 -3.76
N CYS A 546 -27.92 15.72 -3.63
CA CYS A 546 -28.97 14.69 -3.69
C CYS A 546 -29.59 14.73 -5.07
N ASP A 547 -29.47 13.67 -5.88
CA ASP A 547 -29.88 13.73 -7.30
C ASP A 547 -31.41 13.55 -7.44
N GLN A 548 -31.94 13.65 -8.66
CA GLN A 548 -33.40 13.68 -8.95
C GLN A 548 -34.05 12.32 -8.61
N ASP A 549 -33.25 11.26 -8.45
CA ASP A 549 -33.76 9.91 -8.10
C ASP A 549 -33.62 9.63 -6.61
N GLY A 550 -33.18 10.59 -5.79
CA GLY A 550 -32.98 10.34 -4.36
C GLY A 550 -31.73 9.51 -4.09
N ASN A 551 -30.71 9.62 -4.94
CA ASN A 551 -29.40 8.97 -4.76
C ASN A 551 -28.37 10.06 -4.50
N TRP A 552 -27.58 9.93 -3.43
CA TRP A 552 -26.48 10.86 -3.19
C TRP A 552 -25.48 10.80 -4.35
N PHE A 553 -24.95 11.96 -4.70
CA PHE A 553 -23.87 12.13 -5.69
C PHE A 553 -22.70 11.16 -5.42
N ARG A 554 -22.22 10.56 -6.50
CA ARG A 554 -21.00 9.73 -6.52
C ARG A 554 -19.97 10.49 -7.35
N HIS A 555 -18.74 10.64 -6.86
CA HIS A 555 -17.69 11.32 -7.64
C HIS A 555 -17.38 10.50 -8.89
N PRO A 556 -17.38 11.10 -10.08
CA PRO A 556 -17.12 10.35 -11.30
C PRO A 556 -15.76 9.65 -11.40
N ALA A 557 -14.73 10.11 -10.72
CA ALA A 557 -13.39 9.48 -10.81
C ALA A 557 -13.42 8.13 -10.07
N SER A 558 -14.30 7.98 -9.10
CA SER A 558 -14.29 6.83 -8.16
C SER A 558 -15.59 6.03 -8.23
N ASN A 559 -16.69 6.64 -8.66
CA ASN A 559 -18.06 6.11 -8.50
C ASN A 559 -18.38 5.84 -7.02
N ARG A 560 -17.73 6.51 -6.08
CA ARG A 560 -18.08 6.38 -4.65
C ARG A 560 -18.91 7.58 -4.21
N THR A 561 -19.90 7.34 -3.34
CA THR A 561 -20.73 8.37 -2.70
C THR A 561 -19.79 9.36 -2.03
N TRP A 562 -19.95 10.65 -2.29
CA TRP A 562 -18.88 11.65 -2.03
C TRP A 562 -19.50 12.99 -1.66
N THR A 563 -19.17 13.44 -0.45
CA THR A 563 -19.37 14.81 0.05
C THR A 563 -18.21 15.70 -0.44
N ASN A 564 -18.54 16.94 -0.76
CA ASN A 564 -17.60 17.94 -1.30
C ASN A 564 -17.04 18.80 -0.16
N TYR A 565 -15.85 18.47 0.35
CA TYR A 565 -15.06 19.24 1.35
C TYR A 565 -14.00 20.12 0.69
N THR A 566 -14.01 20.27 -0.64
CA THR A 566 -12.88 20.91 -1.37
C THR A 566 -12.77 22.41 -1.05
N GLN A 567 -13.86 23.04 -0.64
CA GLN A 567 -13.85 24.50 -0.33
C GLN A 567 -13.32 24.73 1.10
N CYS A 568 -13.11 23.68 1.89
CA CYS A 568 -12.75 23.83 3.33
C CYS A 568 -11.30 24.27 3.49
N ASN A 569 -10.39 23.84 2.62
CA ASN A 569 -8.93 24.13 2.79
C ASN A 569 -8.36 24.87 1.58
N VAL A 570 -9.19 25.51 0.72
CA VAL A 570 -8.76 26.54 -0.28
C VAL A 570 -8.49 27.84 0.47
N ASP B 1 -2.72 18.44 20.37
CA ASP B 1 -3.44 19.55 19.68
C ASP B 1 -4.21 19.00 18.48
N LYS B 2 -5.07 19.85 17.92
CA LYS B 2 -5.85 19.57 16.69
C LYS B 2 -4.84 19.26 15.58
N ASP B 3 -5.16 18.30 14.71
CA ASP B 3 -4.31 17.93 13.54
C ASP B 3 -4.11 19.15 12.66
N ASN B 4 -2.89 19.35 12.15
CA ASN B 4 -2.51 20.55 11.37
C ASN B 4 -3.21 20.51 10.00
N VAL B 5 -3.33 19.32 9.39
CA VAL B 5 -3.58 19.17 7.94
C VAL B 5 -4.69 18.14 7.71
N ALA B 6 -5.79 18.50 7.06
CA ALA B 6 -6.82 17.52 6.62
C ALA B 6 -6.18 16.50 5.67
N PRO B 7 -6.36 15.18 5.85
CA PRO B 7 -5.83 14.22 4.89
C PRO B 7 -6.39 14.43 3.47
N ARG B 8 -5.51 14.63 2.50
CA ARG B 8 -5.94 14.89 1.10
C ARG B 8 -6.73 13.69 0.55
N ARG B 9 -6.36 12.46 0.91
N ARG B 9 -6.35 12.47 0.91
CA ARG B 9 -7.05 11.26 0.40
CA ARG B 9 -7.03 11.25 0.41
C ARG B 9 -8.55 11.34 0.76
C ARG B 9 -8.52 11.32 0.77
N LEU B 10 -8.86 11.92 1.92
CA LEU B 10 -10.24 11.92 2.45
C LEU B 10 -11.03 13.05 1.83
N ILE B 11 -10.37 14.05 1.25
CA ILE B 11 -11.08 15.12 0.50
C ILE B 11 -11.26 14.68 -0.96
N GLY B 12 -10.36 13.84 -1.48
CA GLY B 12 -10.39 13.44 -2.89
C GLY B 12 -11.55 12.49 -3.16
N PRO B 13 -11.67 12.06 -4.44
CA PRO B 13 -12.81 11.26 -4.90
C PRO B 13 -13.00 9.89 -4.25
N TRP B 14 -11.96 9.30 -3.65
CA TRP B 14 -12.02 7.99 -2.94
C TRP B 14 -12.18 8.22 -1.43
N GLY B 15 -12.38 9.47 -0.99
CA GLY B 15 -12.52 9.80 0.43
C GLY B 15 -13.98 10.02 0.83
N TYR B 16 -14.20 10.85 1.85
CA TYR B 16 -15.55 11.11 2.39
C TYR B 16 -16.28 12.08 1.48
#